data_4P33
#
_entry.id   4P33
#
_cell.length_a   66.620
_cell.length_b   138.360
_cell.length_c   101.280
_cell.angle_alpha   90.000
_cell.angle_beta   90.000
_cell.angle_gamma   90.000
#
_symmetry.space_group_name_H-M   'C 2 2 21'
#
loop_
_entity.id
_entity.type
_entity.pdbx_description
1 polymer 'Lipopolysaccharide export system ATP-binding protein LptB'
2 non-polymer 'SODIUM ION'
3 non-polymer "ADENOSINE-5'-TRIPHOSPHATE"
4 non-polymer GLYCEROL
5 water water
#
_entity_poly.entity_id   1
_entity_poly.type   'polypeptide(L)'
_entity_poly.pdbx_seq_one_letter_code
;ATLTAKNLAKAYKGRRVVEDVSLTVNSGEIVGLLGPNGAGKTTTFYMVVGIVPRDAGNIIIDDDDISLLPLHARARRGIG
YLPQEASIFRRLSVYDNLMAVLQIRDDLSAEQREDRANELMEEFHIEHLRDSMGQSLSGGERRRVEIARALAANPKFILL
DQPFAGVDPISVIDIKRIIEHLRDSGLGVLITDHNVRETLAVCERAYIVSQGHLIAHGTPTEILQDEHVKRVYLGEDFRL
EHHHHHHHH
;
_entity_poly.pdbx_strand_id   A,B
#
loop_
_chem_comp.id
_chem_comp.type
_chem_comp.name
_chem_comp.formula
ATP non-polymer ADENOSINE-5'-TRIPHOSPHATE 'C10 H16 N5 O13 P3'
GOL non-polymer GLYCEROL 'C3 H8 O3'
NA non-polymer 'SODIUM ION' 'Na 1'
#
# COMPACT_ATOMS: atom_id res chain seq x y z
N ALA A 1 7.15 -12.73 25.32
CA ALA A 1 7.41 -11.31 25.08
C ALA A 1 6.31 -10.44 25.67
N THR A 2 6.63 -9.17 25.91
CA THR A 2 5.69 -8.24 26.50
C THR A 2 5.66 -6.91 25.74
N LEU A 3 4.48 -6.52 25.30
CA LEU A 3 4.27 -5.19 24.72
C LEU A 3 3.61 -4.29 25.76
N THR A 4 4.21 -3.13 26.01
CA THR A 4 3.72 -2.23 27.03
C THR A 4 3.59 -0.80 26.50
N ALA A 5 2.44 -0.19 26.76
CA ALA A 5 2.26 1.24 26.52
C ALA A 5 2.12 1.94 27.87
N LYS A 6 2.95 2.97 28.09
CA LYS A 6 2.93 3.68 29.36
C LYS A 6 2.54 5.15 29.19
N ASN A 7 1.51 5.57 29.93
CA ASN A 7 1.14 6.97 30.03
C ASN A 7 0.92 7.66 28.69
N LEU A 8 0.27 6.97 27.76
CA LEU A 8 0.00 7.57 26.44
C LEU A 8 -0.97 8.74 26.54
N ALA A 9 -0.70 9.78 25.74
CA ALA A 9 -1.55 10.95 25.69
C ALA A 9 -1.54 11.52 24.27
N LYS A 10 -2.72 11.94 23.82
CA LYS A 10 -2.86 12.56 22.51
C LYS A 10 -3.91 13.67 22.58
N ALA A 11 -3.56 14.85 22.08
CA ALA A 11 -4.53 15.92 21.96
C ALA A 11 -4.65 16.37 20.51
N TYR A 12 -5.84 16.80 20.12
CA TYR A 12 -6.05 17.42 18.83
C TYR A 12 -6.60 18.82 19.05
N LYS A 13 -5.84 19.83 18.65
CA LYS A 13 -6.22 21.23 18.85
C LYS A 13 -6.66 21.50 20.28
N GLY A 14 -5.90 20.98 21.24
CA GLY A 14 -6.16 21.26 22.64
C GLY A 14 -7.10 20.27 23.31
N ARG A 15 -7.86 19.54 22.51
CA ARG A 15 -8.78 18.53 23.05
C ARG A 15 -8.02 17.23 23.33
N ARG A 16 -7.96 16.83 24.59
CA ARG A 16 -7.25 15.63 24.99
C ARG A 16 -8.10 14.37 24.79
N VAL A 17 -7.93 13.73 23.64
CA VAL A 17 -8.75 12.57 23.30
C VAL A 17 -8.20 11.26 23.87
N VAL A 18 -6.92 11.27 24.23
CA VAL A 18 -6.34 10.19 25.02
C VAL A 18 -5.52 10.82 26.14
N GLU A 19 -5.69 10.33 27.35
CA GLU A 19 -5.00 10.91 28.50
C GLU A 19 -4.52 9.85 29.47
N ASP A 20 -3.20 9.69 29.54
CA ASP A 20 -2.58 8.82 30.52
C ASP A 20 -3.14 7.40 30.47
N VAL A 21 -3.10 6.81 29.27
CA VAL A 21 -3.54 5.43 29.10
C VAL A 21 -2.35 4.49 29.10
N SER A 22 -2.39 3.50 29.98
CA SER A 22 -1.37 2.47 30.05
C SER A 22 -2.00 1.10 29.86
N LEU A 23 -1.37 0.27 29.05
CA LEU A 23 -1.85 -1.09 28.87
C LEU A 23 -0.71 -2.04 28.54
N THR A 24 -0.95 -3.33 28.75
CA THR A 24 0.06 -4.35 28.51
C THR A 24 -0.56 -5.56 27.82
N VAL A 25 0.18 -6.17 26.90
CA VAL A 25 -0.22 -7.42 26.29
C VAL A 25 0.98 -8.35 26.23
N ASN A 26 0.78 -9.61 26.61
CA ASN A 26 1.84 -10.61 26.59
C ASN A 26 1.65 -11.62 25.47
N SER A 27 2.74 -12.24 25.05
CA SER A 27 2.66 -13.37 24.13
C SER A 27 1.71 -14.43 24.70
N GLY A 28 0.90 -15.02 23.82
CA GLY A 28 -0.01 -16.08 24.23
C GLY A 28 -1.17 -15.58 25.05
N GLU A 29 -1.54 -14.31 24.83
CA GLU A 29 -2.60 -13.67 25.57
C GLU A 29 -3.46 -12.86 24.62
N ILE A 30 -4.78 -12.88 24.82
CA ILE A 30 -5.69 -12.02 24.06
C ILE A 30 -6.28 -10.99 25.02
N VAL A 31 -6.06 -9.72 24.73
CA VAL A 31 -6.44 -8.64 25.62
C VAL A 31 -7.39 -7.70 24.88
N GLY A 32 -8.45 -7.25 25.54
CA GLY A 32 -9.39 -6.37 24.90
C GLY A 32 -9.23 -4.91 25.28
N LEU A 33 -9.52 -4.03 24.33
CA LEU A 33 -9.66 -2.60 24.59
C LEU A 33 -11.02 -2.18 24.07
N LEU A 34 -11.91 -1.84 24.99
CA LEU A 34 -13.29 -1.52 24.62
C LEU A 34 -13.75 -0.20 25.21
N GLY A 35 -14.85 0.32 24.71
CA GLY A 35 -15.41 1.55 25.24
C GLY A 35 -16.25 2.30 24.25
N PRO A 36 -16.95 3.34 24.73
CA PRO A 36 -17.88 4.14 23.91
C PRO A 36 -17.23 4.74 22.68
N ASN A 37 -18.05 5.08 21.71
CA ASN A 37 -17.58 5.81 20.55
C ASN A 37 -16.88 7.10 20.97
N GLY A 38 -15.75 7.39 20.31
CA GLY A 38 -14.99 8.60 20.58
C GLY A 38 -14.12 8.55 21.82
N ALA A 39 -13.99 7.36 22.42
CA ALA A 39 -13.27 7.23 23.69
C ALA A 39 -11.76 7.30 23.54
N GLY A 40 -11.26 7.06 22.34
CA GLY A 40 -9.84 7.14 22.07
C GLY A 40 -9.17 5.82 21.77
N LYS A 41 -9.96 4.81 21.41
CA LYS A 41 -9.45 3.47 21.17
C LYS A 41 -8.52 3.42 19.95
N THR A 42 -9.00 3.88 18.81
CA THR A 42 -8.18 3.85 17.61
C THR A 42 -6.96 4.74 17.75
N THR A 43 -7.15 5.90 18.38
CA THR A 43 -6.03 6.81 18.62
C THR A 43 -4.93 6.13 19.43
N THR A 44 -5.34 5.38 20.45
CA THR A 44 -4.40 4.59 21.25
C THR A 44 -3.66 3.57 20.38
N PHE A 45 -4.41 2.81 19.57
CA PHE A 45 -3.80 1.88 18.63
C PHE A 45 -2.81 2.59 17.72
N TYR A 46 -3.21 3.76 17.20
CA TYR A 46 -2.34 4.56 16.33
C TYR A 46 -1.01 4.89 17.00
N MET A 47 -1.04 5.24 18.28
CA MET A 47 0.19 5.60 18.99
C MET A 47 1.09 4.40 19.26
N VAL A 48 0.50 3.22 19.41
CA VAL A 48 1.28 2.01 19.62
C VAL A 48 1.96 1.59 18.33
N VAL A 49 1.21 1.67 17.24
CA VAL A 49 1.70 1.25 15.93
C VAL A 49 2.68 2.27 15.34
N GLY A 50 2.48 3.54 15.65
CA GLY A 50 3.31 4.61 15.12
C GLY A 50 2.65 5.38 13.99
N ILE A 51 1.33 5.27 13.89
CA ILE A 51 0.56 5.97 12.86
CA ILE A 51 0.58 5.97 12.85
C ILE A 51 0.40 7.45 13.17
N VAL A 52 0.28 7.77 14.45
CA VAL A 52 0.24 9.17 14.87
C VAL A 52 1.25 9.39 15.98
N PRO A 53 1.94 10.54 15.95
CA PRO A 53 2.88 10.85 17.04
C PRO A 53 2.15 11.06 18.36
N ARG A 54 2.74 10.55 19.44
CA ARG A 54 2.18 10.71 20.77
C ARG A 54 2.58 12.08 21.32
N ASP A 55 1.76 12.63 22.21
CA ASP A 55 2.12 13.84 22.93
C ASP A 55 2.93 13.47 24.17
N ALA A 56 2.66 12.28 24.69
CA ALA A 56 3.40 11.77 25.85
C ALA A 56 3.30 10.25 25.90
N GLY A 57 4.15 9.64 26.72
CA GLY A 57 4.08 8.20 26.93
C GLY A 57 5.22 7.43 26.30
N ASN A 58 5.23 6.11 26.54
CA ASN A 58 6.28 5.26 26.01
C ASN A 58 5.75 3.95 25.47
N ILE A 59 6.42 3.43 24.45
CA ILE A 59 6.10 2.13 23.91
C ILE A 59 7.32 1.23 24.12
N ILE A 60 7.09 0.08 24.73
CA ILE A 60 8.18 -0.80 25.11
C ILE A 60 7.88 -2.24 24.74
N ILE A 61 8.86 -2.90 24.14
CA ILE A 61 8.79 -4.34 23.92
C ILE A 61 9.88 -5.01 24.74
N ASP A 62 9.47 -5.83 25.70
CA ASP A 62 10.39 -6.48 26.62
C ASP A 62 11.22 -5.43 27.37
N ASP A 63 12.52 -5.37 27.07
CA ASP A 63 13.40 -4.45 27.77
C ASP A 63 13.64 -3.17 26.96
N ASP A 64 13.29 -3.18 25.68
CA ASP A 64 13.63 -2.08 24.79
C ASP A 64 12.52 -1.06 24.64
N ASP A 65 12.81 0.18 25.01
CA ASP A 65 11.90 1.29 24.73
C ASP A 65 12.00 1.60 23.25
N ILE A 66 10.89 1.40 22.53
CA ILE A 66 10.88 1.59 21.09
C ILE A 66 10.09 2.83 20.69
N SER A 67 9.91 3.74 21.64
CA SER A 67 9.11 4.95 21.43
C SER A 67 9.65 5.80 20.29
N LEU A 68 10.97 5.75 20.09
CA LEU A 68 11.60 6.56 19.05
C LEU A 68 11.59 5.90 17.67
N LEU A 69 11.31 4.60 17.64
CA LEU A 69 11.26 3.86 16.38
C LEU A 69 10.07 4.28 15.52
N PRO A 70 10.31 4.56 14.23
CA PRO A 70 9.21 4.85 13.32
C PRO A 70 8.39 3.59 12.99
N LEU A 71 7.22 3.81 12.40
CA LEU A 71 6.29 2.74 12.03
C LEU A 71 6.98 1.48 11.50
N HIS A 72 7.77 1.62 10.45
CA HIS A 72 8.40 0.47 9.79
C HIS A 72 9.31 -0.32 10.73
N ALA A 73 9.99 0.39 11.64
CA ALA A 73 10.91 -0.26 12.56
C ALA A 73 10.15 -1.03 13.64
N ARG A 74 9.04 -0.45 14.10
CA ARG A 74 8.20 -1.11 15.09
C ARG A 74 7.58 -2.37 14.49
N ALA A 75 7.19 -2.29 13.22
CA ALA A 75 6.66 -3.46 12.51
C ALA A 75 7.71 -4.58 12.46
N ARG A 76 8.94 -4.20 12.16
CA ARG A 76 10.02 -5.18 12.09
C ARG A 76 10.27 -5.81 13.46
N ARG A 77 9.97 -5.06 14.51
CA ARG A 77 10.11 -5.56 15.88
C ARG A 77 8.96 -6.50 16.25
N GLY A 78 7.95 -6.55 15.39
CA GLY A 78 6.88 -7.51 15.55
C GLY A 78 5.49 -6.95 15.79
N ILE A 79 5.32 -5.64 15.69
CA ILE A 79 4.01 -5.05 15.87
C ILE A 79 3.22 -5.11 14.57
N GLY A 80 2.06 -5.76 14.61
CA GLY A 80 1.17 -5.87 13.47
C GLY A 80 -0.13 -5.13 13.72
N TYR A 81 -0.87 -4.84 12.66
CA TYR A 81 -2.00 -3.95 12.81
C TYR A 81 -3.06 -4.13 11.71
N LEU A 82 -4.30 -4.34 12.15
CA LEU A 82 -5.44 -4.38 11.24
C LEU A 82 -6.23 -3.11 11.43
N PRO A 83 -6.21 -2.22 10.43
CA PRO A 83 -6.97 -0.97 10.60
C PRO A 83 -8.48 -1.17 10.60
N GLN A 84 -9.19 -0.24 11.22
CA GLN A 84 -10.64 -0.24 11.21
C GLN A 84 -11.16 0.12 9.81
N GLU A 85 -10.52 1.09 9.18
CA GLU A 85 -10.93 1.51 7.84
C GLU A 85 -10.44 0.52 6.79
N ALA A 86 -11.05 0.55 5.62
CA ALA A 86 -10.65 -0.34 4.55
C ALA A 86 -9.13 -0.24 4.29
N SER A 87 -8.49 -1.39 4.09
CA SER A 87 -7.04 -1.41 3.90
C SER A 87 -6.62 -2.22 2.68
N ILE A 88 -7.57 -2.88 2.04
CA ILE A 88 -7.32 -3.68 0.85
C ILE A 88 -6.93 -2.79 -0.34
N PHE A 89 -6.09 -3.31 -1.23
CA PHE A 89 -5.80 -2.61 -2.48
C PHE A 89 -6.94 -2.87 -3.45
N ARG A 90 -7.62 -1.81 -3.88
CA ARG A 90 -8.87 -1.96 -4.62
C ARG A 90 -8.73 -2.64 -5.97
N ARG A 91 -7.66 -2.33 -6.70
CA ARG A 91 -7.51 -2.86 -8.05
C ARG A 91 -6.86 -4.22 -8.10
N LEU A 92 -6.28 -4.65 -6.99
CA LEU A 92 -5.59 -5.94 -6.96
C LEU A 92 -6.52 -7.07 -6.53
N SER A 93 -6.28 -8.25 -7.08
CA SER A 93 -7.05 -9.43 -6.72
C SER A 93 -6.75 -9.80 -5.27
N VAL A 94 -7.55 -10.68 -4.71
CA VAL A 94 -7.30 -11.19 -3.37
C VAL A 94 -5.90 -11.79 -3.29
N TYR A 95 -5.56 -12.63 -4.27
CA TYR A 95 -4.25 -13.25 -4.32
C TYR A 95 -3.13 -12.21 -4.39
N ASP A 96 -3.29 -11.22 -5.27
CA ASP A 96 -2.24 -10.22 -5.41
C ASP A 96 -2.12 -9.35 -4.16
N ASN A 97 -3.24 -9.10 -3.49
CA ASN A 97 -3.22 -8.40 -2.20
C ASN A 97 -2.35 -9.12 -1.18
N LEU A 98 -2.53 -10.44 -1.08
CA LEU A 98 -1.76 -11.24 -0.14
C LEU A 98 -0.28 -11.28 -0.52
N MET A 99 -0.01 -11.51 -1.81
CA MET A 99 1.36 -11.59 -2.29
C MET A 99 2.10 -10.28 -2.08
N ALA A 100 1.36 -9.17 -2.11
CA ALA A 100 1.95 -7.85 -1.90
C ALA A 100 2.49 -7.71 -0.47
N VAL A 101 1.69 -8.10 0.52
CA VAL A 101 2.13 -8.05 1.91
C VAL A 101 3.26 -9.03 2.15
N LEU A 102 3.16 -10.21 1.53
CA LEU A 102 4.14 -11.26 1.74
C LEU A 102 5.52 -10.92 1.19
N GLN A 103 5.59 -9.86 0.38
CA GLN A 103 6.89 -9.42 -0.15
C GLN A 103 7.80 -8.91 0.97
N ILE A 104 7.21 -8.61 2.12
CA ILE A 104 7.99 -8.09 3.25
C ILE A 104 8.60 -9.21 4.09
N ARG A 105 8.27 -10.45 3.76
CA ARG A 105 8.73 -11.61 4.53
C ARG A 105 10.13 -12.06 4.13
N ASP A 106 11.14 -11.51 4.81
CA ASP A 106 12.54 -11.85 4.53
C ASP A 106 12.86 -13.30 4.91
N ASP A 107 11.97 -13.92 5.69
CA ASP A 107 12.18 -15.28 6.16
C ASP A 107 11.63 -16.33 5.20
N LEU A 108 10.95 -15.87 4.15
CA LEU A 108 10.33 -16.78 3.19
C LEU A 108 10.95 -16.62 1.80
N SER A 109 11.20 -17.74 1.14
CA SER A 109 11.65 -17.72 -0.25
C SER A 109 10.48 -17.34 -1.13
N ALA A 110 10.73 -17.20 -2.44
CA ALA A 110 9.69 -16.85 -3.38
C ALA A 110 8.56 -17.88 -3.37
N GLU A 111 8.93 -19.17 -3.40
CA GLU A 111 7.94 -20.23 -3.42
C GLU A 111 7.20 -20.35 -2.10
N GLN A 112 7.91 -20.08 -1.00
CA GLN A 112 7.30 -20.12 0.33
C GLN A 112 6.22 -19.06 0.49
N ARG A 113 6.42 -17.91 -0.15
CA ARG A 113 5.42 -16.84 -0.11
C ARG A 113 4.16 -17.27 -0.84
N GLU A 114 4.33 -17.92 -1.97
CA GLU A 114 3.19 -18.40 -2.76
C GLU A 114 2.40 -19.47 -2.00
N ASP A 115 3.10 -20.37 -1.33
CA ASP A 115 2.45 -21.38 -0.51
C ASP A 115 1.65 -20.73 0.61
N ARG A 116 2.25 -19.73 1.25
CA ARG A 116 1.60 -19.03 2.37
C ARG A 116 0.33 -18.31 1.93
N ALA A 117 0.35 -17.70 0.76
CA ALA A 117 -0.84 -17.02 0.24
C ALA A 117 -1.97 -18.03 0.01
N ASN A 118 -1.64 -19.18 -0.55
CA ASN A 118 -2.64 -20.22 -0.78
C ASN A 118 -3.17 -20.78 0.54
N GLU A 119 -2.27 -20.94 1.51
CA GLU A 119 -2.65 -21.38 2.85
C GLU A 119 -3.66 -20.42 3.47
N LEU A 120 -3.33 -19.12 3.40
CA LEU A 120 -4.19 -18.10 3.98
C LEU A 120 -5.57 -18.07 3.33
N MET A 121 -5.62 -18.21 2.01
CA MET A 121 -6.89 -18.22 1.31
C MET A 121 -7.74 -19.41 1.73
N GLU A 122 -7.09 -20.56 1.94
CA GLU A 122 -7.75 -21.75 2.44
C GLU A 122 -8.27 -21.50 3.86
N GLU A 123 -7.40 -20.99 4.72
CA GLU A 123 -7.75 -20.78 6.13
C GLU A 123 -8.91 -19.81 6.32
N PHE A 124 -8.96 -18.77 5.48
CA PHE A 124 -9.98 -17.74 5.59
C PHE A 124 -11.15 -17.97 4.64
N HIS A 125 -11.19 -19.16 4.01
CA HIS A 125 -12.28 -19.52 3.12
C HIS A 125 -12.52 -18.47 2.04
N ILE A 126 -11.44 -18.05 1.37
CA ILE A 126 -11.54 -17.03 0.31
C ILE A 126 -10.90 -17.50 -1.00
N GLU A 127 -10.67 -18.80 -1.12
CA GLU A 127 -10.07 -19.36 -2.33
C GLU A 127 -10.91 -19.05 -3.57
N HIS A 128 -12.22 -18.97 -3.39
CA HIS A 128 -13.12 -18.76 -4.51
C HIS A 128 -13.09 -17.30 -5.01
N LEU A 129 -12.47 -16.43 -4.22
CA LEU A 129 -12.34 -15.02 -4.58
C LEU A 129 -10.90 -14.70 -5.00
N ARG A 130 -10.12 -15.74 -5.27
CA ARG A 130 -8.70 -15.62 -5.59
C ARG A 130 -8.40 -14.50 -6.58
N ASP A 131 -9.15 -14.45 -7.67
CA ASP A 131 -8.87 -13.51 -8.75
C ASP A 131 -9.79 -12.29 -8.72
N SER A 132 -10.61 -12.20 -7.68
CA SER A 132 -11.54 -11.08 -7.53
C SER A 132 -10.82 -9.83 -7.05
N MET A 133 -11.07 -8.71 -7.72
CA MET A 133 -10.46 -7.43 -7.33
C MET A 133 -10.99 -7.00 -5.97
N GLY A 134 -10.16 -6.34 -5.19
CA GLY A 134 -10.57 -5.90 -3.86
C GLY A 134 -11.83 -5.05 -3.90
N GLN A 135 -11.95 -4.21 -4.91
CA GLN A 135 -13.09 -3.29 -5.03
C GLN A 135 -14.39 -4.03 -5.34
N SER A 136 -14.29 -5.28 -5.76
CA SER A 136 -15.47 -6.08 -6.13
CA SER A 136 -15.47 -6.07 -6.11
C SER A 136 -16.01 -6.88 -4.94
N LEU A 137 -15.26 -6.91 -3.84
CA LEU A 137 -15.66 -7.74 -2.71
C LEU A 137 -16.81 -7.13 -1.90
N SER A 138 -17.65 -8.00 -1.34
CA SER A 138 -18.64 -7.56 -0.38
C SER A 138 -17.91 -7.17 0.91
N GLY A 139 -18.63 -6.50 1.80
CA GLY A 139 -18.04 -6.01 3.04
C GLY A 139 -17.40 -7.11 3.87
N GLY A 140 -18.09 -8.23 4.01
CA GLY A 140 -17.59 -9.33 4.84
C GLY A 140 -16.45 -10.07 4.19
N GLU A 141 -16.49 -10.19 2.87
CA GLU A 141 -15.41 -10.81 2.11
C GLU A 141 -14.16 -9.97 2.28
N ARG A 142 -14.32 -8.66 2.13
CA ARG A 142 -13.18 -7.75 2.25
C ARG A 142 -12.55 -7.84 3.64
N ARG A 143 -13.37 -7.91 4.68
CA ARG A 143 -12.83 -8.01 6.03
C ARG A 143 -11.94 -9.24 6.23
N ARG A 144 -12.36 -10.39 5.70
CA ARG A 144 -11.56 -11.60 5.78
CA ARG A 144 -11.55 -11.58 5.82
C ARG A 144 -10.22 -11.41 5.09
N VAL A 145 -10.24 -10.77 3.93
CA VAL A 145 -9.00 -10.53 3.19
C VAL A 145 -8.09 -9.61 3.98
N GLU A 146 -8.69 -8.60 4.62
CA GLU A 146 -7.89 -7.63 5.37
C GLU A 146 -7.25 -8.27 6.60
N ILE A 147 -7.98 -9.17 7.26
CA ILE A 147 -7.43 -9.89 8.40
C ILE A 147 -6.29 -10.79 7.92
N ALA A 148 -6.51 -11.49 6.81
CA ALA A 148 -5.48 -12.35 6.24
C ALA A 148 -4.22 -11.55 5.89
N ARG A 149 -4.41 -10.35 5.36
CA ARG A 149 -3.27 -9.48 5.02
C ARG A 149 -2.48 -9.13 6.27
N ALA A 150 -3.19 -8.85 7.36
CA ALA A 150 -2.52 -8.49 8.60
C ALA A 150 -1.68 -9.65 9.13
N LEU A 151 -2.21 -10.87 8.99
CA LEU A 151 -1.52 -12.07 9.46
C LEU A 151 -0.32 -12.45 8.58
N ALA A 152 -0.41 -12.12 7.30
CA ALA A 152 0.64 -12.45 6.35
C ALA A 152 1.97 -11.81 6.75
N ALA A 153 1.91 -10.73 7.51
CA ALA A 153 3.10 -10.02 7.96
C ALA A 153 3.82 -10.76 9.10
N ASN A 154 3.18 -11.79 9.64
CA ASN A 154 3.77 -12.61 10.71
C ASN A 154 4.20 -11.80 11.93
N PRO A 155 3.28 -11.03 12.52
CA PRO A 155 3.59 -10.18 13.68
C PRO A 155 3.75 -10.98 14.97
N LYS A 156 4.41 -10.39 15.95
CA LYS A 156 4.50 -11.00 17.27
C LYS A 156 3.36 -10.51 18.14
N PHE A 157 2.95 -9.26 17.91
CA PHE A 157 1.81 -8.67 18.58
C PHE A 157 0.89 -8.09 17.51
N ILE A 158 -0.37 -8.48 17.54
CA ILE A 158 -1.30 -8.01 16.51
C ILE A 158 -2.41 -7.17 17.14
N LEU A 159 -2.54 -5.93 16.65
CA LEU A 159 -3.59 -5.03 17.09
C LEU A 159 -4.74 -5.09 16.09
N LEU A 160 -5.88 -5.62 16.53
CA LEU A 160 -7.02 -5.83 15.67
C LEU A 160 -8.10 -4.78 15.93
N ASP A 161 -8.27 -3.85 14.99
CA ASP A 161 -9.25 -2.78 15.15
C ASP A 161 -10.54 -3.17 14.42
N GLN A 162 -11.50 -3.71 15.18
CA GLN A 162 -12.81 -4.12 14.68
C GLN A 162 -12.77 -5.24 13.63
N PRO A 163 -12.20 -6.40 14.00
CA PRO A 163 -12.11 -7.54 13.10
C PRO A 163 -13.47 -8.16 12.76
N PHE A 164 -14.50 -7.85 13.55
CA PHE A 164 -15.82 -8.45 13.31
C PHE A 164 -16.76 -7.55 12.50
N ALA A 165 -16.31 -6.34 12.18
CA ALA A 165 -17.19 -5.38 11.50
C ALA A 165 -17.66 -5.91 10.14
N GLY A 166 -18.98 -6.01 9.98
CA GLY A 166 -19.56 -6.42 8.72
C GLY A 166 -19.49 -7.92 8.43
N VAL A 167 -19.11 -8.69 9.45
CA VAL A 167 -18.95 -10.13 9.25
CA VAL A 167 -18.89 -10.12 9.32
C VAL A 167 -20.10 -10.92 9.85
N ASP A 168 -20.48 -11.99 9.15
CA ASP A 168 -21.63 -12.80 9.55
C ASP A 168 -21.32 -13.70 10.75
N PRO A 169 -22.37 -14.29 11.36
CA PRO A 169 -22.16 -15.03 12.61
C PRO A 169 -21.22 -16.22 12.48
N ILE A 170 -21.30 -16.95 11.38
CA ILE A 170 -20.41 -18.09 11.16
C ILE A 170 -18.98 -17.62 10.96
N SER A 171 -18.80 -16.50 10.27
CA SER A 171 -17.47 -15.92 10.10
C SER A 171 -16.90 -15.38 11.42
N VAL A 172 -17.76 -14.87 12.30
CA VAL A 172 -17.32 -14.45 13.62
C VAL A 172 -16.72 -15.64 14.36
N ILE A 173 -17.39 -16.78 14.29
CA ILE A 173 -16.87 -18.00 14.91
C ILE A 173 -15.53 -18.41 14.32
N ASP A 174 -15.41 -18.34 12.99
CA ASP A 174 -14.18 -18.71 12.31
C ASP A 174 -13.04 -17.80 12.74
N ILE A 175 -13.31 -16.50 12.78
CA ILE A 175 -12.28 -15.54 13.14
C ILE A 175 -11.89 -15.68 14.60
N LYS A 176 -12.86 -15.99 15.46
CA LYS A 176 -12.53 -16.25 16.85
C LYS A 176 -11.58 -17.44 16.94
N ARG A 177 -11.87 -18.50 16.21
CA ARG A 177 -11.02 -19.68 16.21
C ARG A 177 -9.61 -19.35 15.72
N ILE A 178 -9.51 -18.50 14.70
CA ILE A 178 -8.23 -18.06 14.18
C ILE A 178 -7.44 -17.26 15.22
N ILE A 179 -8.13 -16.36 15.92
CA ILE A 179 -7.50 -15.56 16.96
C ILE A 179 -6.95 -16.44 18.09
N GLU A 180 -7.74 -17.44 18.48
CA GLU A 180 -7.31 -18.36 19.53
C GLU A 180 -6.09 -19.17 19.08
N HIS A 181 -6.05 -19.52 17.80
CA HIS A 181 -4.89 -20.22 17.24
C HIS A 181 -3.65 -19.33 17.22
N LEU A 182 -3.85 -18.04 16.96
CA LEU A 182 -2.73 -17.09 17.00
C LEU A 182 -2.14 -17.08 18.41
N ARG A 183 -3.02 -17.00 19.39
CA ARG A 183 -2.63 -16.98 20.80
C ARG A 183 -1.88 -18.26 21.18
N ASP A 184 -2.37 -19.40 20.74
CA ASP A 184 -1.73 -20.68 21.03
C ASP A 184 -0.36 -20.77 20.36
N SER A 185 -0.21 -20.05 19.25
CA SER A 185 1.03 -20.04 18.49
C SER A 185 2.05 -19.07 19.07
N GLY A 186 1.65 -18.32 20.09
CA GLY A 186 2.57 -17.42 20.78
C GLY A 186 2.42 -15.94 20.49
N LEU A 187 1.43 -15.56 19.70
CA LEU A 187 1.19 -14.14 19.45
C LEU A 187 0.51 -13.50 20.64
N GLY A 188 0.76 -12.22 20.85
CA GLY A 188 -0.06 -11.44 21.76
C GLY A 188 -1.09 -10.73 20.90
N VAL A 189 -2.32 -10.64 21.39
CA VAL A 189 -3.39 -10.03 20.62
C VAL A 189 -4.06 -8.92 21.43
N LEU A 190 -4.16 -7.74 20.84
CA LEU A 190 -4.94 -6.65 21.43
C LEU A 190 -6.09 -6.37 20.48
N ILE A 191 -7.31 -6.57 20.96
CA ILE A 191 -8.48 -6.51 20.11
C ILE A 191 -9.47 -5.47 20.59
N THR A 192 -10.01 -4.71 19.66
CA THR A 192 -11.12 -3.83 19.96
C THR A 192 -12.21 -4.10 18.95
N ASP A 193 -13.44 -4.19 19.43
CA ASP A 193 -14.57 -4.38 18.54
C ASP A 193 -15.81 -3.93 19.29
N HIS A 194 -16.86 -3.59 18.56
CA HIS A 194 -18.10 -3.16 19.19
C HIS A 194 -19.10 -4.29 19.40
N ASN A 195 -18.74 -5.49 18.96
CA ASN A 195 -19.48 -6.68 19.34
C ASN A 195 -18.96 -7.15 20.68
N VAL A 196 -19.56 -6.62 21.74
CA VAL A 196 -19.05 -6.79 23.10
C VAL A 196 -18.98 -8.25 23.52
N ARG A 197 -20.10 -8.95 23.38
CA ARG A 197 -20.20 -10.34 23.82
C ARG A 197 -19.19 -11.24 23.11
N GLU A 198 -19.05 -11.06 21.80
CA GLU A 198 -18.12 -11.88 21.03
C GLU A 198 -16.67 -11.55 21.34
N THR A 199 -16.39 -10.27 21.58
CA THR A 199 -15.03 -9.85 21.91
C THR A 199 -14.60 -10.31 23.30
N LEU A 200 -15.44 -10.07 24.29
CA LEU A 200 -15.14 -10.53 25.65
C LEU A 200 -15.00 -12.05 25.72
N ALA A 201 -15.65 -12.75 24.80
CA ALA A 201 -15.61 -14.21 24.79
C ALA A 201 -14.22 -14.74 24.45
N VAL A 202 -13.43 -13.95 23.74
CA VAL A 202 -12.10 -14.39 23.33
C VAL A 202 -11.00 -13.81 24.23
N CYS A 203 -11.34 -12.77 24.98
CA CYS A 203 -10.36 -12.06 25.81
C CYS A 203 -10.16 -12.71 27.18
N GLU A 204 -8.93 -12.66 27.67
CA GLU A 204 -8.64 -13.09 29.04
C GLU A 204 -8.86 -11.93 30.00
N ARG A 205 -8.62 -10.73 29.52
CA ARG A 205 -8.87 -9.51 30.28
C ARG A 205 -9.06 -8.36 29.32
N ALA A 206 -9.64 -7.27 29.81
CA ALA A 206 -9.96 -6.15 28.96
C ALA A 206 -9.82 -4.84 29.71
N TYR A 207 -9.42 -3.81 28.96
CA TYR A 207 -9.39 -2.44 29.47
C TYR A 207 -10.59 -1.71 28.91
N ILE A 208 -11.25 -0.90 29.73
CA ILE A 208 -12.36 -0.07 29.27
C ILE A 208 -11.96 1.40 29.33
N VAL A 209 -12.03 2.08 28.20
CA VAL A 209 -11.73 3.50 28.14
C VAL A 209 -12.98 4.32 27.87
N SER A 210 -13.01 5.53 28.44
CA SER A 210 -14.12 6.44 28.22
C SER A 210 -13.59 7.87 28.26
N GLN A 211 -13.89 8.64 27.22
CA GLN A 211 -13.44 10.03 27.13
C GLN A 211 -11.93 10.15 27.36
N GLY A 212 -11.17 9.22 26.79
CA GLY A 212 -9.72 9.29 26.85
C GLY A 212 -9.08 8.72 28.11
N HIS A 213 -9.90 8.25 29.04
CA HIS A 213 -9.39 7.71 30.31
C HIS A 213 -9.71 6.24 30.48
N LEU A 214 -8.80 5.50 31.10
CA LEU A 214 -9.10 4.14 31.50
C LEU A 214 -10.03 4.18 32.70
N ILE A 215 -11.18 3.51 32.60
CA ILE A 215 -12.12 3.50 33.73
C ILE A 215 -12.22 2.13 34.41
N ALA A 216 -11.74 1.09 33.75
CA ALA A 216 -11.80 -0.26 34.31
C ALA A 216 -10.84 -1.21 33.61
N HIS A 217 -10.39 -2.21 34.36
CA HIS A 217 -9.62 -3.31 33.79
C HIS A 217 -9.92 -4.57 34.59
N GLY A 218 -10.04 -5.70 33.90
CA GLY A 218 -10.26 -6.96 34.56
C GLY A 218 -10.68 -8.07 33.61
N THR A 219 -11.13 -9.19 34.16
CA THR A 219 -11.66 -10.28 33.34
C THR A 219 -13.00 -9.87 32.74
N PRO A 220 -13.46 -10.60 31.73
CA PRO A 220 -14.73 -10.27 31.09
C PRO A 220 -15.88 -10.21 32.08
N THR A 221 -15.96 -11.17 33.00
CA THR A 221 -17.03 -11.17 33.99
C THR A 221 -16.94 -9.94 34.90
N GLU A 222 -15.73 -9.60 35.31
CA GLU A 222 -15.51 -8.42 36.16
C GLU A 222 -15.94 -7.14 35.44
N ILE A 223 -15.59 -7.04 34.16
CA ILE A 223 -16.00 -5.91 33.34
C ILE A 223 -17.52 -5.81 33.25
N LEU A 224 -18.16 -6.91 32.88
CA LEU A 224 -19.60 -6.94 32.69
C LEU A 224 -20.37 -6.62 33.98
N GLN A 225 -19.75 -6.87 35.13
CA GLN A 225 -20.40 -6.62 36.41
C GLN A 225 -20.03 -5.27 37.02
N ASP A 226 -19.18 -4.51 36.34
CA ASP A 226 -18.75 -3.20 36.83
C ASP A 226 -19.84 -2.15 36.60
N GLU A 227 -20.32 -1.54 37.69
CA GLU A 227 -21.44 -0.59 37.62
C GLU A 227 -21.16 0.67 36.78
N HIS A 228 -19.94 1.18 36.86
CA HIS A 228 -19.55 2.35 36.09
C HIS A 228 -19.51 2.03 34.59
N VAL A 229 -18.99 0.86 34.26
CA VAL A 229 -18.94 0.40 32.87
C VAL A 229 -20.36 0.22 32.34
N LYS A 230 -21.23 -0.36 33.15
CA LYS A 230 -22.63 -0.54 32.78
C LYS A 230 -23.27 0.79 32.44
N ARG A 231 -22.95 1.82 33.23
CA ARG A 231 -23.59 3.12 33.09
C ARG A 231 -23.15 3.88 31.84
N VAL A 232 -21.85 3.96 31.60
CA VAL A 232 -21.33 4.80 30.53
C VAL A 232 -21.04 4.07 29.23
N TYR A 233 -21.04 2.74 29.27
CA TYR A 233 -20.69 1.95 28.08
C TYR A 233 -21.73 0.89 27.71
N LEU A 234 -22.02 -0.01 28.63
CA LEU A 234 -22.89 -1.14 28.32
C LEU A 234 -24.36 -0.73 28.23
N GLY A 235 -24.75 0.25 29.04
CA GLY A 235 -26.11 0.74 29.05
C GLY A 235 -27.07 -0.20 29.75
N ALA B 1 18.69 -5.05 -21.35
CA ALA B 1 17.44 -5.77 -21.26
C ALA B 1 16.37 -5.13 -22.14
N THR B 2 15.39 -5.92 -22.56
CA THR B 2 14.34 -5.42 -23.44
C THR B 2 12.97 -5.79 -22.93
N LEU B 3 12.10 -4.79 -22.81
CA LEU B 3 10.72 -5.02 -22.43
C LEU B 3 9.85 -4.79 -23.65
N THR B 4 9.06 -5.79 -24.02
CA THR B 4 8.27 -5.73 -25.24
C THR B 4 6.81 -6.07 -25.00
N ALA B 5 5.92 -5.27 -25.57
CA ALA B 5 4.51 -5.60 -25.61
C ALA B 5 4.12 -5.84 -27.06
N LYS B 6 3.42 -6.94 -27.32
CA LYS B 6 3.03 -7.29 -28.69
C LYS B 6 1.52 -7.51 -28.81
N ASN B 7 0.87 -6.72 -29.64
CA ASN B 7 -0.54 -6.91 -29.98
C ASN B 7 -1.48 -7.01 -28.78
N LEU B 8 -1.27 -6.15 -27.80
CA LEU B 8 -2.11 -6.09 -26.61
C LEU B 8 -3.52 -5.66 -26.97
N ALA B 9 -4.50 -6.26 -26.32
CA ALA B 9 -5.91 -5.92 -26.51
C ALA B 9 -6.61 -5.98 -25.18
N LYS B 10 -7.62 -5.13 -25.00
CA LYS B 10 -8.43 -5.13 -23.77
C LYS B 10 -9.81 -4.60 -24.06
N ALA B 11 -10.82 -5.31 -23.57
CA ALA B 11 -12.19 -4.84 -23.67
C ALA B 11 -12.80 -4.78 -22.28
N TYR B 12 -13.77 -3.88 -22.13
CA TYR B 12 -14.57 -3.82 -20.91
C TYR B 12 -16.05 -3.78 -21.30
N LYS B 13 -16.81 -4.73 -20.78
CA LYS B 13 -18.25 -4.79 -21.03
C LYS B 13 -18.59 -4.73 -22.52
N GLY B 14 -17.74 -5.35 -23.35
CA GLY B 14 -18.00 -5.40 -24.78
C GLY B 14 -17.41 -4.24 -25.56
N ARG B 15 -16.83 -3.27 -24.86
CA ARG B 15 -16.20 -2.14 -25.51
C ARG B 15 -14.69 -2.31 -25.62
N ARG B 16 -14.17 -2.27 -26.84
CA ARG B 16 -12.76 -2.54 -27.07
C ARG B 16 -11.90 -1.29 -26.88
N VAL B 17 -11.35 -1.13 -25.68
CA VAL B 17 -10.65 0.13 -25.35
C VAL B 17 -9.18 0.13 -25.76
N VAL B 18 -8.58 -1.06 -25.87
CA VAL B 18 -7.29 -1.20 -26.51
C VAL B 18 -7.48 -2.22 -27.63
N GLU B 19 -7.35 -1.79 -28.88
CA GLU B 19 -7.55 -2.67 -30.02
C GLU B 19 -6.29 -3.48 -30.27
N ASP B 20 -5.20 -2.77 -30.50
CA ASP B 20 -3.92 -3.40 -30.77
C ASP B 20 -2.82 -2.40 -30.51
N VAL B 21 -2.01 -2.68 -29.48
CA VAL B 21 -0.86 -1.85 -29.17
C VAL B 21 0.37 -2.73 -28.99
N SER B 22 1.45 -2.36 -29.68
CA SER B 22 2.74 -3.00 -29.52
C SER B 22 3.74 -1.91 -29.25
N LEU B 23 4.69 -2.18 -28.37
CA LEU B 23 5.75 -1.20 -28.09
C LEU B 23 6.94 -1.91 -27.48
N THR B 24 8.09 -1.26 -27.52
CA THR B 24 9.28 -1.81 -26.88
CA THR B 24 9.30 -1.81 -26.94
C THR B 24 10.04 -0.72 -26.16
N VAL B 25 10.71 -1.10 -25.08
CA VAL B 25 11.60 -0.20 -24.36
C VAL B 25 12.84 -0.98 -23.94
N ASN B 26 14.01 -0.39 -24.21
CA ASN B 26 15.25 -1.04 -23.83
C ASN B 26 15.85 -0.35 -22.62
N SER B 27 16.64 -1.09 -21.85
CA SER B 27 17.41 -0.49 -20.78
CA SER B 27 17.38 -0.47 -20.77
C SER B 27 18.22 0.67 -21.34
N GLY B 28 18.26 1.79 -20.61
CA GLY B 28 19.04 2.94 -21.04
C GLY B 28 18.32 3.83 -22.04
N GLU B 29 17.01 3.66 -22.14
CA GLU B 29 16.21 4.37 -23.12
C GLU B 29 15.01 5.01 -22.42
N ILE B 30 14.63 6.21 -22.86
CA ILE B 30 13.39 6.84 -22.40
C ILE B 30 12.41 6.90 -23.56
N VAL B 31 11.27 6.23 -23.40
CA VAL B 31 10.30 6.07 -24.47
C VAL B 31 8.95 6.64 -24.03
N GLY B 32 8.31 7.42 -24.89
CA GLY B 32 7.01 7.97 -24.55
C GLY B 32 5.84 7.20 -25.12
N LEU B 33 4.71 7.27 -24.42
CA LEU B 33 3.44 6.83 -24.96
C LEU B 33 2.46 7.97 -24.72
N LEU B 34 2.05 8.63 -25.81
CA LEU B 34 1.22 9.82 -25.71
C LEU B 34 -0.01 9.68 -26.59
N GLY B 35 -1.02 10.49 -26.32
CA GLY B 35 -2.19 10.51 -27.18
C GLY B 35 -3.40 11.06 -26.46
N PRO B 36 -4.51 11.20 -27.20
CA PRO B 36 -5.73 11.79 -26.65
C PRO B 36 -6.29 11.06 -25.45
N ASN B 37 -7.16 11.75 -24.73
CA ASN B 37 -7.86 11.14 -23.60
C ASN B 37 -8.65 9.92 -24.05
N GLY B 38 -8.69 8.91 -23.20
CA GLY B 38 -9.45 7.70 -23.47
C GLY B 38 -8.86 6.82 -24.56
N ALA B 39 -7.60 7.04 -24.90
CA ALA B 39 -6.96 6.30 -25.98
C ALA B 39 -6.48 4.91 -25.58
N GLY B 40 -6.38 4.63 -24.29
CA GLY B 40 -5.92 3.34 -23.82
C GLY B 40 -4.52 3.32 -23.23
N LYS B 41 -3.99 4.48 -22.90
CA LYS B 41 -2.62 4.57 -22.35
C LYS B 41 -2.47 3.89 -20.99
N THR B 42 -3.28 4.29 -20.03
CA THR B 42 -3.22 3.68 -18.71
C THR B 42 -3.56 2.19 -18.77
N THR B 43 -4.54 1.83 -19.58
CA THR B 43 -4.91 0.43 -19.72
C THR B 43 -3.73 -0.39 -20.25
N THR B 44 -3.01 0.16 -21.21
CA THR B 44 -1.80 -0.48 -21.73
C THR B 44 -0.77 -0.67 -20.62
N PHE B 45 -0.50 0.40 -19.84
CA PHE B 45 0.43 0.29 -18.73
C PHE B 45 -0.04 -0.79 -17.75
N TYR B 46 -1.33 -0.82 -17.49
CA TYR B 46 -1.92 -1.81 -16.57
C TYR B 46 -1.63 -3.23 -17.05
N MET B 47 -1.75 -3.46 -18.36
CA MET B 47 -1.51 -4.79 -18.92
C MET B 47 -0.03 -5.19 -18.86
N VAL B 48 0.85 -4.21 -18.99
CA VAL B 48 2.29 -4.46 -18.91
C VAL B 48 2.70 -4.77 -17.48
N VAL B 49 2.18 -3.98 -16.54
CA VAL B 49 2.50 -4.13 -15.12
C VAL B 49 1.85 -5.38 -14.53
N GLY B 50 0.67 -5.72 -15.01
CA GLY B 50 -0.09 -6.86 -14.49
C GLY B 50 -1.24 -6.46 -13.59
N ILE B 51 -1.61 -5.18 -13.63
CA ILE B 51 -2.73 -4.70 -12.83
CA ILE B 51 -2.74 -4.67 -12.86
C ILE B 51 -4.06 -5.19 -13.40
N VAL B 52 -4.13 -5.35 -14.72
CA VAL B 52 -5.29 -5.99 -15.34
C VAL B 52 -4.81 -7.06 -16.31
N PRO B 53 -5.56 -8.16 -16.44
CA PRO B 53 -5.13 -9.19 -17.39
C PRO B 53 -5.40 -8.74 -18.83
N ARG B 54 -4.49 -9.08 -19.73
CA ARG B 54 -4.67 -8.79 -21.14
C ARG B 54 -5.78 -9.69 -21.73
N ASP B 55 -6.50 -9.17 -22.72
CA ASP B 55 -7.46 -10.00 -23.43
C ASP B 55 -6.77 -10.74 -24.58
N ALA B 56 -5.71 -10.13 -25.08
CA ALA B 56 -4.89 -10.73 -26.14
C ALA B 56 -3.50 -10.12 -26.11
N GLY B 57 -2.55 -10.77 -26.77
CA GLY B 57 -1.21 -10.21 -26.87
C GLY B 57 -0.22 -10.81 -25.88
N ASN B 58 0.99 -10.29 -25.91
CA ASN B 58 2.09 -10.85 -25.15
C ASN B 58 2.90 -9.77 -24.48
N ILE B 59 3.41 -10.05 -23.29
CA ILE B 59 4.38 -9.18 -22.65
C ILE B 59 5.65 -10.01 -22.49
N ILE B 60 6.78 -9.45 -22.91
CA ILE B 60 8.03 -10.19 -22.97
C ILE B 60 9.19 -9.40 -22.37
N ILE B 61 10.02 -10.07 -21.58
CA ILE B 61 11.27 -9.47 -21.12
C ILE B 61 12.43 -10.33 -21.60
N ASP B 62 13.27 -9.75 -22.45
CA ASP B 62 14.37 -10.49 -23.05
C ASP B 62 13.81 -11.70 -23.81
N ASP B 63 14.21 -12.89 -23.39
CA ASP B 63 13.78 -14.11 -24.08
C ASP B 63 12.63 -14.80 -23.34
N ASP B 64 12.00 -14.10 -22.41
CA ASP B 64 10.97 -14.72 -21.58
C ASP B 64 9.60 -14.07 -21.74
N ASP B 65 8.62 -14.86 -22.18
CA ASP B 65 7.25 -14.40 -22.22
C ASP B 65 6.69 -14.43 -20.80
N ILE B 66 6.27 -13.27 -20.31
CA ILE B 66 5.79 -13.14 -18.93
C ILE B 66 4.31 -12.76 -18.87
N SER B 67 3.60 -13.01 -19.96
CA SER B 67 2.20 -12.63 -20.07
C SER B 67 1.34 -13.16 -18.92
N LEU B 68 1.71 -14.32 -18.40
CA LEU B 68 0.89 -14.96 -17.36
C LEU B 68 1.50 -14.84 -15.96
N LEU B 69 2.62 -14.15 -15.85
CA LEU B 69 3.22 -13.89 -14.55
C LEU B 69 2.34 -12.92 -13.76
N PRO B 70 2.12 -13.24 -12.48
CA PRO B 70 1.34 -12.34 -11.62
C PRO B 70 2.08 -11.03 -11.38
N LEU B 71 1.36 -10.02 -10.93
CA LEU B 71 1.92 -8.71 -10.61
C LEU B 71 3.25 -8.78 -9.85
N HIS B 72 3.26 -9.54 -8.74
CA HIS B 72 4.43 -9.57 -7.87
C HIS B 72 5.63 -10.20 -8.56
N ALA B 73 5.37 -11.14 -9.45
CA ALA B 73 6.43 -11.84 -10.17
C ALA B 73 7.04 -10.90 -11.21
N ARG B 74 6.19 -10.07 -11.83
CA ARG B 74 6.68 -9.10 -12.80
C ARG B 74 7.49 -8.01 -12.12
N ALA B 75 7.10 -7.68 -10.89
CA ALA B 75 7.83 -6.70 -10.11
C ALA B 75 9.22 -7.24 -9.78
N ARG B 76 9.28 -8.51 -9.41
CA ARG B 76 10.56 -9.15 -9.14
C ARG B 76 11.45 -9.15 -10.38
N ARG B 77 10.84 -9.28 -11.55
CA ARG B 77 11.59 -9.28 -12.81
C ARG B 77 12.06 -7.88 -13.19
N GLY B 78 11.59 -6.88 -12.46
CA GLY B 78 12.09 -5.52 -12.60
C GLY B 78 11.11 -4.47 -13.10
N ILE B 79 9.84 -4.82 -13.24
CA ILE B 79 8.86 -3.85 -13.71
C ILE B 79 8.27 -3.04 -12.56
N GLY B 80 8.37 -1.72 -12.66
CA GLY B 80 7.79 -0.81 -11.68
C GLY B 80 6.78 0.13 -12.31
N TYR B 81 5.88 0.69 -11.49
CA TYR B 81 4.78 1.51 -11.99
C TYR B 81 4.47 2.68 -11.05
N LEU B 82 4.42 3.88 -11.62
CA LEU B 82 3.87 5.04 -10.94
C LEU B 82 2.44 5.24 -11.43
N PRO B 83 1.44 5.01 -10.58
CA PRO B 83 0.05 5.21 -11.00
C PRO B 83 -0.27 6.68 -11.27
N GLN B 84 -1.24 6.91 -12.16
CA GLN B 84 -1.75 8.26 -12.39
C GLN B 84 -2.55 8.74 -11.19
N GLU B 85 -3.34 7.84 -10.59
CA GLU B 85 -4.15 8.22 -9.43
C GLU B 85 -3.30 8.29 -8.18
N ALA B 86 -3.79 9.02 -7.18
CA ALA B 86 -3.08 9.13 -5.91
C ALA B 86 -2.66 7.75 -5.40
N SER B 87 -1.41 7.64 -4.95
CA SER B 87 -0.86 6.35 -4.51
C SER B 87 -0.20 6.46 -3.14
N ILE B 88 -0.23 7.65 -2.56
CA ILE B 88 0.37 7.93 -1.28
C ILE B 88 -0.51 7.41 -0.14
N PHE B 89 0.09 6.99 0.97
CA PHE B 89 -0.66 6.68 2.17
C PHE B 89 -0.99 7.97 2.89
N ARG B 90 -2.28 8.25 3.07
CA ARG B 90 -2.71 9.55 3.56
C ARG B 90 -2.32 9.86 5.00
N ARG B 91 -2.34 8.85 5.86
CA ARG B 91 -2.05 9.10 7.27
C ARG B 91 -0.57 9.07 7.59
N LEU B 92 0.22 8.48 6.70
CA LEU B 92 1.65 8.37 6.93
C LEU B 92 2.42 9.60 6.50
N SER B 93 3.49 9.91 7.22
CA SER B 93 4.34 11.02 6.85
C SER B 93 5.05 10.71 5.53
N VAL B 94 5.67 11.73 4.96
CA VAL B 94 6.50 11.55 3.76
C VAL B 94 7.54 10.46 4.03
N TYR B 95 8.24 10.59 5.14
CA TYR B 95 9.29 9.63 5.50
C TYR B 95 8.73 8.21 5.59
N ASP B 96 7.61 8.05 6.30
CA ASP B 96 7.03 6.72 6.47
C ASP B 96 6.52 6.16 5.15
N ASN B 97 6.06 7.05 4.27
CA ASN B 97 5.63 6.64 2.93
C ASN B 97 6.77 6.03 2.13
N LEU B 98 7.95 6.65 2.23
CA LEU B 98 9.12 6.12 1.54
C LEU B 98 9.57 4.82 2.17
N MET B 99 9.59 4.77 3.49
CA MET B 99 10.02 3.55 4.20
C MET B 99 9.08 2.38 3.93
N ALA B 100 7.80 2.68 3.67
CA ALA B 100 6.84 1.64 3.36
C ALA B 100 7.28 0.85 2.12
N VAL B 101 7.80 1.55 1.12
CA VAL B 101 8.30 0.91 -0.09
C VAL B 101 9.68 0.31 0.14
N LEU B 102 10.54 1.05 0.81
CA LEU B 102 11.92 0.60 1.02
C LEU B 102 12.00 -0.69 1.84
N GLN B 103 10.97 -0.96 2.63
CA GLN B 103 10.97 -2.15 3.48
C GLN B 103 10.89 -3.45 2.66
N ILE B 104 10.50 -3.33 1.40
CA ILE B 104 10.44 -4.49 0.51
C ILE B 104 11.75 -4.68 -0.25
N ARG B 105 12.68 -3.74 -0.05
CA ARG B 105 14.01 -3.84 -0.65
C ARG B 105 14.89 -4.79 0.14
N ASP B 106 14.78 -6.08 -0.16
CA ASP B 106 15.57 -7.09 0.52
C ASP B 106 17.07 -6.90 0.27
N ASP B 107 17.40 -6.01 -0.67
CA ASP B 107 18.79 -5.72 -1.01
C ASP B 107 19.36 -4.57 -0.18
N LEU B 108 18.55 -4.07 0.75
CA LEU B 108 18.96 -2.94 1.59
C LEU B 108 18.86 -3.26 3.08
N SER B 109 19.89 -2.90 3.82
CA SER B 109 19.89 -3.08 5.27
C SER B 109 19.06 -1.97 5.92
N ALA B 110 18.99 -1.97 7.24
CA ALA B 110 18.25 -0.94 7.96
C ALA B 110 18.83 0.44 7.69
N GLU B 111 20.13 0.58 7.92
CA GLU B 111 20.81 1.86 7.70
C GLU B 111 20.75 2.29 6.24
N GLN B 112 20.86 1.33 5.34
CA GLN B 112 20.83 1.62 3.90
C GLN B 112 19.48 2.16 3.47
N ARG B 113 18.41 1.64 4.06
CA ARG B 113 17.05 2.10 3.76
C ARG B 113 16.84 3.53 4.25
N GLU B 114 17.27 3.79 5.48
CA GLU B 114 17.21 5.15 6.03
C GLU B 114 17.98 6.12 5.16
N ASP B 115 19.19 5.72 4.75
CA ASP B 115 20.00 6.53 3.87
C ASP B 115 19.30 6.82 2.55
N ARG B 116 18.70 5.79 1.96
CA ARG B 116 18.01 5.94 0.69
C ARG B 116 16.80 6.87 0.82
N ALA B 117 16.08 6.74 1.91
CA ALA B 117 14.94 7.61 2.18
C ALA B 117 15.38 9.07 2.27
N ASN B 118 16.46 9.32 3.00
CA ASN B 118 16.98 10.68 3.13
C ASN B 118 17.50 11.21 1.78
N GLU B 119 18.16 10.35 1.02
CA GLU B 119 18.64 10.71 -0.31
C GLU B 119 17.49 11.10 -1.23
N LEU B 120 16.41 10.33 -1.18
CA LEU B 120 15.25 10.60 -2.02
C LEU B 120 14.57 11.92 -1.65
N MET B 121 14.50 12.20 -0.35
CA MET B 121 13.87 13.44 0.08
C MET B 121 14.67 14.66 -0.38
N GLU B 122 15.99 14.56 -0.32
CA GLU B 122 16.86 15.64 -0.78
C GLU B 122 16.72 15.81 -2.29
N GLU B 123 16.78 14.69 -3.00
CA GLU B 123 16.69 14.68 -4.46
C GLU B 123 15.40 15.31 -4.97
N PHE B 124 14.29 15.07 -4.27
CA PHE B 124 13.00 15.59 -4.69
C PHE B 124 12.61 16.88 -3.97
N HIS B 125 13.55 17.46 -3.23
CA HIS B 125 13.31 18.71 -2.52
C HIS B 125 12.07 18.66 -1.65
N ILE B 126 11.94 17.60 -0.84
CA ILE B 126 10.80 17.45 0.05
C ILE B 126 11.24 17.23 1.50
N GLU B 127 12.52 17.50 1.78
CA GLU B 127 13.08 17.33 3.12
C GLU B 127 12.27 18.07 4.17
N HIS B 128 11.77 19.25 3.79
CA HIS B 128 11.01 20.09 4.72
C HIS B 128 9.62 19.51 5.00
N LEU B 129 9.26 18.47 4.27
CA LEU B 129 7.96 17.83 4.43
C LEU B 129 8.10 16.44 5.05
N ARG B 130 9.29 16.14 5.55
CA ARG B 130 9.62 14.82 6.11
C ARG B 130 8.53 14.25 7.03
N ASP B 131 8.05 15.05 7.98
CA ASP B 131 7.08 14.57 8.95
C ASP B 131 5.63 14.94 8.61
N SER B 132 5.40 15.50 7.43
CA SER B 132 4.05 15.89 7.01
C SER B 132 3.25 14.69 6.53
N MET B 133 2.00 14.59 6.99
CA MET B 133 1.14 13.49 6.54
C MET B 133 0.83 13.58 5.06
N GLY B 134 0.69 12.42 4.42
CA GLY B 134 0.39 12.41 2.99
C GLY B 134 -0.81 13.25 2.64
N GLN B 135 -1.85 13.21 3.49
CA GLN B 135 -3.09 13.93 3.22
C GLN B 135 -2.96 15.45 3.37
N SER B 136 -1.85 15.90 3.95
CA SER B 136 -1.64 17.33 4.16
CA SER B 136 -1.62 17.33 4.16
C SER B 136 -0.87 17.98 3.00
N LEU B 137 -0.35 17.16 2.11
CA LEU B 137 0.49 17.66 1.02
C LEU B 137 -0.33 18.33 -0.07
N SER B 138 0.26 19.37 -0.68
CA SER B 138 -0.33 19.96 -1.87
C SER B 138 -0.21 18.96 -3.02
N GLY B 139 -0.90 19.24 -4.12
CA GLY B 139 -0.92 18.33 -5.25
C GLY B 139 0.45 18.05 -5.83
N GLY B 140 1.25 19.11 -5.99
CA GLY B 140 2.58 18.97 -6.58
C GLY B 140 3.53 18.30 -5.61
N GLU B 141 3.36 18.58 -4.33
CA GLU B 141 4.17 17.93 -3.31
C GLU B 141 3.89 16.44 -3.30
N ARG B 142 2.61 16.08 -3.36
CA ARG B 142 2.22 14.68 -3.33
C ARG B 142 2.80 13.95 -4.54
N ARG B 143 2.75 14.58 -5.71
CA ARG B 143 3.30 13.94 -6.91
C ARG B 143 4.78 13.61 -6.76
N ARG B 144 5.55 14.53 -6.19
CA ARG B 144 6.97 14.29 -5.96
C ARG B 144 7.18 13.10 -5.03
N VAL B 145 6.39 13.02 -3.96
CA VAL B 145 6.50 11.89 -3.05
C VAL B 145 6.16 10.58 -3.75
N GLU B 146 5.14 10.62 -4.60
CA GLU B 146 4.67 9.42 -5.32
C GLU B 146 5.72 8.95 -6.32
N ILE B 147 6.38 9.89 -7.00
CA ILE B 147 7.47 9.54 -7.91
C ILE B 147 8.62 8.91 -7.14
N ALA B 148 9.00 9.53 -6.01
CA ALA B 148 10.05 8.98 -5.16
C ALA B 148 9.74 7.57 -4.68
N ARG B 149 8.48 7.34 -4.30
CA ARG B 149 8.04 6.01 -3.89
C ARG B 149 8.26 4.98 -4.98
N ALA B 150 7.94 5.38 -6.22
CA ALA B 150 8.12 4.48 -7.36
C ALA B 150 9.60 4.18 -7.57
N LEU B 151 10.43 5.19 -7.44
CA LEU B 151 11.88 5.00 -7.57
C LEU B 151 12.45 4.14 -6.46
N ALA B 152 11.88 4.28 -5.27
CA ALA B 152 12.35 3.55 -4.10
C ALA B 152 12.30 2.03 -4.28
N ALA B 153 11.46 1.58 -5.21
CA ALA B 153 11.32 0.14 -5.46
C ALA B 153 12.45 -0.43 -6.32
N ASN B 154 13.29 0.46 -6.85
CA ASN B 154 14.46 0.04 -7.65
C ASN B 154 14.14 -0.85 -8.85
N PRO B 155 13.22 -0.41 -9.72
CA PRO B 155 12.82 -1.18 -10.91
C PRO B 155 13.89 -1.14 -12.01
N LYS B 156 13.84 -2.11 -12.93
CA LYS B 156 14.68 -2.08 -14.12
C LYS B 156 13.97 -1.33 -15.24
N PHE B 157 12.65 -1.49 -15.29
CA PHE B 157 11.80 -0.77 -16.22
C PHE B 157 10.75 -0.05 -15.40
N ILE B 158 10.69 1.26 -15.53
CA ILE B 158 9.71 2.03 -14.79
CA ILE B 158 9.72 2.05 -14.78
C ILE B 158 8.69 2.66 -15.73
N LEU B 159 7.41 2.40 -15.46
CA LEU B 159 6.32 2.98 -16.23
C LEU B 159 5.75 4.16 -15.45
N LEU B 160 5.95 5.36 -15.98
CA LEU B 160 5.56 6.58 -15.30
C LEU B 160 4.26 7.11 -15.89
N ASP B 161 3.17 6.99 -15.13
CA ASP B 161 1.87 7.44 -15.59
C ASP B 161 1.61 8.85 -15.08
N GLN B 162 1.91 9.83 -15.93
CA GLN B 162 1.67 11.25 -15.65
C GLN B 162 2.48 11.80 -14.48
N PRO B 163 3.82 11.70 -14.57
CA PRO B 163 4.69 12.21 -13.52
C PRO B 163 4.68 13.74 -13.40
N PHE B 164 4.18 14.45 -14.41
CA PHE B 164 4.20 15.90 -14.39
C PHE B 164 2.85 16.55 -14.03
N ALA B 165 1.83 15.73 -13.79
CA ALA B 165 0.50 16.27 -13.51
C ALA B 165 0.49 17.04 -12.20
N GLY B 166 0.09 18.31 -12.27
CA GLY B 166 0.04 19.15 -11.08
C GLY B 166 1.39 19.67 -10.62
N VAL B 167 2.42 19.49 -11.45
CA VAL B 167 3.78 19.84 -11.08
C VAL B 167 4.24 21.15 -11.75
N ASP B 168 4.94 21.99 -10.98
CA ASP B 168 5.34 23.31 -11.48
C ASP B 168 6.52 23.21 -12.45
N PRO B 169 6.78 24.28 -13.20
CA PRO B 169 7.76 24.17 -14.29
C PRO B 169 9.18 23.83 -13.82
N ILE B 170 9.58 24.37 -12.68
CA ILE B 170 10.93 24.10 -12.19
C ILE B 170 11.03 22.68 -11.66
N SER B 171 9.96 22.18 -11.04
CA SER B 171 9.95 20.80 -10.58
C SER B 171 9.95 19.82 -11.75
N VAL B 172 9.29 20.19 -12.84
CA VAL B 172 9.33 19.36 -14.05
C VAL B 172 10.77 19.23 -14.55
N ILE B 173 11.49 20.35 -14.57
CA ILE B 173 12.90 20.32 -14.94
C ILE B 173 13.69 19.39 -14.02
N ASP B 174 13.42 19.46 -12.72
CA ASP B 174 14.11 18.62 -11.74
C ASP B 174 13.81 17.15 -11.98
N ILE B 175 12.54 16.85 -12.26
CA ILE B 175 12.11 15.47 -12.49
C ILE B 175 12.71 14.93 -13.79
N LYS B 176 12.74 15.76 -14.83
CA LYS B 176 13.37 15.38 -16.08
C LYS B 176 14.83 14.99 -15.85
N ARG B 177 15.54 15.79 -15.05
CA ARG B 177 16.94 15.48 -14.77
C ARG B 177 17.08 14.15 -14.02
N ILE B 178 16.15 13.89 -13.09
CA ILE B 178 16.16 12.63 -12.36
C ILE B 178 15.90 11.46 -13.30
N ILE B 179 14.94 11.64 -14.23
CA ILE B 179 14.64 10.61 -15.21
C ILE B 179 15.86 10.33 -16.08
N GLU B 180 16.56 11.38 -16.48
CA GLU B 180 17.75 11.19 -17.31
C GLU B 180 18.85 10.44 -16.57
N HIS B 181 18.96 10.69 -15.26
CA HIS B 181 19.92 9.97 -14.44
C HIS B 181 19.55 8.49 -14.33
N LEU B 182 18.26 8.20 -14.19
CA LEU B 182 17.78 6.81 -14.22
C LEU B 182 18.23 6.13 -15.50
N ARG B 183 18.02 6.82 -16.61
CA ARG B 183 18.38 6.30 -17.92
C ARG B 183 19.88 6.05 -17.99
N ASP B 184 20.67 6.99 -17.48
CA ASP B 184 22.11 6.84 -17.49
C ASP B 184 22.53 5.64 -16.63
N SER B 185 21.72 5.33 -15.63
CA SER B 185 21.99 4.25 -14.69
C SER B 185 21.57 2.89 -15.24
N GLY B 186 20.95 2.88 -16.42
CA GLY B 186 20.56 1.64 -17.06
C GLY B 186 19.09 1.28 -16.96
N LEU B 187 18.28 2.16 -16.38
CA LEU B 187 16.84 1.91 -16.38
C LEU B 187 16.24 2.16 -17.75
N GLY B 188 15.20 1.41 -18.08
CA GLY B 188 14.36 1.73 -19.22
C GLY B 188 13.18 2.48 -18.65
N VAL B 189 12.77 3.55 -19.33
CA VAL B 189 11.68 4.39 -18.85
C VAL B 189 10.59 4.45 -19.91
N LEU B 190 9.36 4.15 -19.51
CA LEU B 190 8.21 4.35 -20.38
C LEU B 190 7.35 5.41 -19.73
N ILE B 191 7.16 6.54 -20.40
CA ILE B 191 6.49 7.67 -19.77
C ILE B 191 5.29 8.13 -20.58
N THR B 192 4.19 8.41 -19.88
CA THR B 192 3.05 9.07 -20.51
C THR B 192 2.71 10.31 -19.70
N ASP B 193 2.40 11.40 -20.38
CA ASP B 193 2.00 12.62 -19.69
C ASP B 193 1.28 13.50 -20.68
N HIS B 194 0.50 14.46 -20.19
CA HIS B 194 -0.23 15.35 -21.08
C HIS B 194 0.49 16.67 -21.31
N ASN B 195 1.60 16.87 -20.60
CA ASN B 195 2.48 18.01 -20.84
C ASN B 195 3.36 17.63 -22.03
N VAL B 196 2.86 17.90 -23.24
CA VAL B 196 3.46 17.34 -24.45
C VAL B 196 4.90 17.78 -24.66
N ARG B 197 5.12 19.09 -24.61
CA ARG B 197 6.45 19.63 -24.89
C ARG B 197 7.50 19.11 -23.92
N GLU B 198 7.19 19.11 -22.62
CA GLU B 198 8.17 18.67 -21.64
C GLU B 198 8.40 17.16 -21.69
N THR B 199 7.36 16.42 -22.03
CA THR B 199 7.48 14.97 -22.12
C THR B 199 8.31 14.60 -23.34
N LEU B 200 8.01 15.20 -24.48
CA LEU B 200 8.81 14.92 -25.67
C LEU B 200 10.25 15.37 -25.49
N ALA B 201 10.48 16.37 -24.65
CA ALA B 201 11.82 16.87 -24.42
C ALA B 201 12.71 15.84 -23.74
N VAL B 202 12.11 14.97 -22.95
CA VAL B 202 12.87 13.99 -22.18
C VAL B 202 12.92 12.64 -22.90
N CYS B 203 12.00 12.43 -23.85
CA CYS B 203 11.95 11.18 -24.61
C CYS B 203 12.95 11.13 -25.74
N GLU B 204 13.48 9.93 -25.98
CA GLU B 204 14.30 9.66 -27.15
C GLU B 204 13.44 9.31 -28.36
N ARG B 205 12.33 8.63 -28.09
CA ARG B 205 11.32 8.36 -29.09
C ARG B 205 9.98 8.16 -28.40
N ALA B 206 8.90 8.21 -29.15
CA ALA B 206 7.58 8.07 -28.55
C ALA B 206 6.57 7.43 -29.49
N TYR B 207 5.64 6.68 -28.91
CA TYR B 207 4.52 6.11 -29.62
C TYR B 207 3.32 7.02 -29.40
N ILE B 208 2.51 7.23 -30.42
CA ILE B 208 1.27 7.97 -30.27
C ILE B 208 0.10 7.01 -30.46
N VAL B 209 -0.84 7.03 -29.51
CA VAL B 209 -2.01 6.15 -29.56
CA VAL B 209 -2.01 6.16 -29.58
C VAL B 209 -3.28 7.00 -29.60
N SER B 210 -4.30 6.48 -30.27
CA SER B 210 -5.60 7.16 -30.34
C SER B 210 -6.67 6.09 -30.44
N GLN B 211 -7.70 6.21 -29.60
CA GLN B 211 -8.84 5.31 -29.64
C GLN B 211 -8.43 3.85 -29.69
N GLY B 212 -7.42 3.48 -28.91
CA GLY B 212 -7.05 2.08 -28.74
C GLY B 212 -6.06 1.51 -29.73
N HIS B 213 -5.53 2.34 -30.63
CA HIS B 213 -4.55 1.87 -31.61
C HIS B 213 -3.40 2.87 -31.80
N LEU B 214 -2.27 2.38 -32.30
CA LEU B 214 -1.15 3.28 -32.62
C LEU B 214 -1.43 4.07 -33.88
N ILE B 215 -1.02 5.33 -33.89
CA ILE B 215 -1.11 6.14 -35.11
C ILE B 215 0.24 6.69 -35.57
N ALA B 216 1.26 6.60 -34.71
CA ALA B 216 2.59 7.07 -35.09
C ALA B 216 3.69 6.63 -34.13
N HIS B 217 4.92 6.62 -34.63
CA HIS B 217 6.09 6.41 -33.78
C HIS B 217 7.29 7.19 -34.33
N GLY B 218 8.06 7.81 -33.44
CA GLY B 218 9.24 8.51 -33.91
C GLY B 218 9.97 9.30 -32.86
N THR B 219 11.01 10.01 -33.28
CA THR B 219 11.70 10.93 -32.40
C THR B 219 10.77 12.10 -32.14
N PRO B 220 11.08 12.91 -31.12
CA PRO B 220 10.25 14.06 -30.77
C PRO B 220 9.98 14.96 -31.97
N THR B 221 11.02 15.31 -32.72
CA THR B 221 10.83 16.18 -33.87
C THR B 221 9.93 15.52 -34.91
N GLU B 222 10.13 14.23 -35.14
CA GLU B 222 9.30 13.49 -36.09
C GLU B 222 7.83 13.54 -35.69
N ILE B 223 7.57 13.41 -34.39
CA ILE B 223 6.21 13.46 -33.84
CA ILE B 223 6.21 13.45 -33.87
C ILE B 223 5.61 14.85 -33.99
N LEU B 224 6.38 15.86 -33.60
CA LEU B 224 5.89 17.24 -33.63
C LEU B 224 5.64 17.73 -35.05
N GLN B 225 6.35 17.16 -36.03
CA GLN B 225 6.17 17.56 -37.42
C GLN B 225 5.26 16.59 -38.21
N ASP B 226 4.67 15.64 -37.52
CA ASP B 226 3.74 14.70 -38.13
C ASP B 226 2.35 15.36 -38.27
N GLU B 227 1.94 15.63 -39.51
CA GLU B 227 0.71 16.38 -39.76
C GLU B 227 -0.54 15.65 -39.25
N HIS B 228 -0.50 14.32 -39.28
CA HIS B 228 -1.63 13.53 -38.80
C HIS B 228 -1.75 13.62 -37.28
N VAL B 229 -0.61 13.52 -36.61
CA VAL B 229 -0.56 13.66 -35.16
C VAL B 229 -1.06 15.05 -34.76
N LYS B 230 -0.69 16.07 -35.54
CA LYS B 230 -1.16 17.43 -35.26
C LYS B 230 -2.69 17.52 -35.32
N ARG B 231 -3.27 16.90 -36.34
CA ARG B 231 -4.71 16.93 -36.53
C ARG B 231 -5.47 16.15 -35.45
N VAL B 232 -4.99 14.96 -35.14
CA VAL B 232 -5.72 14.03 -34.29
C VAL B 232 -5.48 14.30 -32.81
N TYR B 233 -4.30 14.79 -32.48
CA TYR B 233 -3.86 14.85 -31.09
C TYR B 233 -3.46 16.26 -30.63
N LEU B 234 -2.49 16.86 -31.31
CA LEU B 234 -1.92 18.12 -30.85
C LEU B 234 -2.83 19.32 -31.08
N GLY B 235 -3.69 19.24 -32.08
CA GLY B 235 -4.58 20.32 -32.41
C GLY B 235 -4.01 21.23 -33.48
NA NA C . -12.29 3.35 16.33
PG ATP D . -15.14 4.65 17.81
O1G ATP D . -14.39 4.08 16.63
O2G ATP D . -16.28 5.58 17.45
O3G ATP D . -15.53 3.61 18.84
PB ATP D . -12.62 5.43 19.13
O1B ATP D . -11.77 4.56 18.26
O2B ATP D . -12.69 5.16 20.62
O3B ATP D . -14.13 5.63 18.61
PA ATP D . -10.91 7.59 18.18
O1A ATP D . -11.03 7.24 16.72
O2A ATP D . -9.64 7.30 18.92
O3A ATP D . -12.15 6.97 19.02
O5' ATP D . -11.29 9.15 18.33
C5' ATP D . -11.18 9.81 19.59
C4' ATP D . -11.65 11.24 19.42
O4' ATP D . -10.67 11.97 18.71
C3' ATP D . -12.95 11.32 18.64
O3' ATP D . -13.88 12.10 19.41
C2' ATP D . -12.60 12.04 17.35
O2' ATP D . -13.60 12.98 16.97
C1' ATP D . -11.29 12.74 17.68
N9 ATP D . -10.35 12.77 16.55
C8 ATP D . -9.82 11.71 15.91
N7 ATP D . -8.97 12.11 14.94
C5 ATP D . -8.94 13.45 14.96
C6 ATP D . -8.25 14.50 14.19
N6 ATP D . -7.39 14.20 13.20
N1 ATP D . -8.51 15.79 14.54
C2 ATP D . -9.35 16.11 15.54
N3 ATP D . -10.02 15.21 16.26
C4 ATP D . -9.85 13.88 16.02
C1 GOL E . -8.06 3.34 -16.04
O1 GOL E . -8.93 3.72 -17.09
C2 GOL E . -8.86 2.51 -15.04
O2 GOL E . -9.31 1.31 -15.66
C3 GOL E . -10.05 3.29 -14.52
O3 GOL E . -10.68 2.55 -13.49
C1 GOL F . -7.03 -8.43 -10.96
O1 GOL F . -7.91 -8.47 -12.07
C2 GOL F . -5.60 -8.36 -11.48
O2 GOL F . -5.11 -9.66 -11.71
C3 GOL F . -4.71 -7.64 -10.46
O3 GOL F . -4.62 -8.40 -9.27
C1 GOL G . -3.29 -3.08 6.17
O1 GOL G . -2.22 -2.30 6.64
C2 GOL G . -3.16 -4.51 6.65
O2 GOL G . -2.33 -5.21 5.74
C3 GOL G . -4.53 -5.18 6.71
O3 GOL G . -5.11 -5.12 5.42
NA NA H . -4.57 7.77 -18.16
PG ATP I . -6.46 9.68 -20.31
O1G ATP I . -7.82 10.34 -20.35
O2G ATP I . -5.49 10.37 -21.25
O3G ATP I . -5.94 9.42 -18.94
PB ATP I . -5.96 6.91 -21.27
O1B ATP I . -5.44 6.97 -22.70
O2B ATP I . -5.01 6.59 -20.15
O3B ATP I . -6.82 8.25 -20.99
PA ATP I . -7.51 4.63 -20.32
O1A ATP I . -6.65 3.46 -20.74
O2A ATP I . -7.53 5.10 -18.89
O3A ATP I . -7.22 5.90 -21.29
O5' ATP I . -9.03 4.35 -20.73
C5' ATP I . -9.37 3.90 -22.04
C4' ATP I . -10.88 3.75 -22.14
O4' ATP I . -11.26 2.65 -21.33
C3' ATP I . -11.63 4.97 -21.62
O3' ATP I . -12.54 5.41 -22.63
C2' ATP I . -12.38 4.49 -20.38
O2' ATP I . -13.69 5.03 -20.29
C1' ATP I . -12.41 2.98 -20.56
N9 ATP I . -12.29 2.23 -19.30
C8 ATP I . -11.22 2.22 -18.49
N7 ATP I . -11.44 1.41 -17.43
C5 ATP I . -12.66 0.88 -17.57
C6 ATP I . -13.49 -0.07 -16.80
N6 ATP I . -13.04 -0.60 -15.65
N1 ATP I . -14.72 -0.36 -17.29
C2 ATP I . -15.18 0.17 -18.44
N3 ATP I . -14.46 1.03 -19.20
C4 ATP I . -13.22 1.41 -18.81
C1 GOL J . 2.99 8.48 10.80
O1 GOL J . 3.72 8.65 9.61
C2 GOL J . 3.08 9.75 11.63
O2 GOL J . 4.44 9.99 11.95
C3 GOL J . 2.54 10.92 10.83
O3 GOL J . 2.47 12.06 11.65
C1 GOL K . -9.83 9.63 12.18
O1 GOL K . -9.21 10.46 11.22
C2 GOL K . -8.75 8.94 13.01
O2 GOL K . -7.94 9.93 13.62
C3 GOL K . -9.41 8.10 14.08
O3 GOL K . -10.30 8.91 14.82
#